data_7HBH
#
_entry.id   7HBH
#
_cell.length_a   67.418
_cell.length_b   90.655
_cell.length_c   98.849
_cell.angle_alpha   90.000
_cell.angle_beta   90.000
_cell.angle_gamma   90.000
#
_symmetry.space_group_name_H-M   'I 2 2 2'
#
loop_
_entity.id
_entity.type
_entity.pdbx_description
1 polymer 'Heat shock protein HSP 90-alpha'
2 non-polymer (5-tert-butylthiophen-2-yl)(pyrrolidin-1-yl)methanone
3 water water
#
_entity_poly.entity_id   1
_entity_poly.type   'polypeptide(L)'
_entity_poly.pdbx_seq_one_letter_code
;MDQPMEEEEVETFAFQAEIAQLMSLIINTFYSNKEIFLRELISNSSDALDKIRYESLTDPSKLDSGKELHINLIPNKQDR
TLTIVDTGIGMTKADLINNLGTIAKSGTKAFMEALQAGADISMIGQFGVGFYSAYLVAEKVTVITKHNDDEQYAWESSAG
GSFTVRTDTGEPMGRGTKVILHLKEDQTEYLEERRIKEIVKKHSQFIGYPITLFVEKERDKEVSDDEAELEHHHHHH
;
_entity_poly.pdbx_strand_id   A
#
loop_
_chem_comp.id
_chem_comp.type
_chem_comp.name
_chem_comp.formula
A1AYC non-polymer (5-tert-butylthiophen-2-yl)(pyrrolidin-1-yl)methanone 'C13 H19 N O S'
#
# COMPACT_ATOMS: atom_id res chain seq x y z
N GLU A 9 23.28 -2.17 2.68
CA GLU A 9 23.26 -0.82 3.24
C GLU A 9 21.81 -0.39 3.50
N VAL A 10 21.49 -0.17 4.77
CA VAL A 10 20.14 0.18 5.19
C VAL A 10 20.16 1.60 5.71
N GLU A 11 19.33 2.46 5.11
CA GLU A 11 19.18 3.83 5.56
C GLU A 11 17.90 3.97 6.38
N THR A 12 17.99 4.67 7.50
CA THR A 12 16.85 4.93 8.38
C THR A 12 16.49 6.40 8.30
N PHE A 13 15.19 6.68 8.17
CA PHE A 13 14.67 8.02 8.04
C PHE A 13 13.60 8.26 9.09
N ALA A 14 13.46 9.50 9.51
CA ALA A 14 12.37 9.88 10.39
C ALA A 14 11.17 10.34 9.55
N PHE A 15 9.99 9.88 9.92
CA PHE A 15 8.79 10.42 9.32
C PHE A 15 8.69 11.91 9.62
N GLN A 16 8.08 12.64 8.70
CA GLN A 16 7.63 13.99 9.02
C GLN A 16 6.67 13.92 10.20
N ALA A 17 6.72 14.94 11.05
CA ALA A 17 5.96 14.91 12.30
C ALA A 17 4.47 14.68 12.04
N GLU A 18 3.94 15.26 10.97
CA GLU A 18 2.51 15.12 10.67
C GLU A 18 2.16 13.68 10.34
N ILE A 19 3.04 12.99 9.63
CA ILE A 19 2.76 11.61 9.23
C ILE A 19 2.89 10.67 10.41
N ALA A 20 3.91 10.87 11.25
CA ALA A 20 4.02 10.07 12.47
C ALA A 20 2.80 10.25 13.35
N GLN A 21 2.25 11.46 13.38
CA GLN A 21 1.05 11.72 14.17
C GLN A 21 -0.16 10.98 13.58
N LEU A 22 -0.29 10.97 12.26
CA LEU A 22 -1.38 10.23 11.62
C LEU A 22 -1.24 8.74 11.87
N MET A 23 -0.01 8.22 11.83
CA MET A 23 0.20 6.79 12.02
C MET A 23 -0.16 6.36 13.43
N SER A 24 0.17 7.19 14.43
CA SER A 24 -0.18 6.86 15.81
C SER A 24 -1.68 6.94 16.04
N LEU A 25 -2.35 7.92 15.40
CA LEU A 25 -3.81 7.99 15.48
C LEU A 25 -4.45 6.73 14.92
N ILE A 26 -3.94 6.25 13.79
CA ILE A 26 -4.51 5.06 13.16
C ILE A 26 -4.27 3.83 14.04
N ILE A 27 -3.13 3.77 14.72
CA ILE A 27 -2.80 2.62 15.53
C ILE A 27 -3.56 2.63 16.85
N ASN A 28 -3.78 3.82 17.42
CA ASN A 28 -4.30 3.92 18.78
C ASN A 28 -5.81 4.17 18.87
N THR A 29 -6.43 4.71 17.82
CA THR A 29 -7.86 5.02 17.89
C THR A 29 -8.68 3.73 17.84
N PHE A 30 -9.67 3.63 18.72
CA PHE A 30 -10.61 2.52 18.67
C PHE A 30 -11.54 2.70 17.47
N TYR A 31 -11.48 1.75 16.54
CA TYR A 31 -12.27 1.87 15.31
C TYR A 31 -12.41 0.46 14.74
N SER A 32 -13.63 -0.07 14.75
CA SER A 32 -13.85 -1.48 14.44
C SER A 32 -13.84 -1.77 12.94
N ASN A 33 -14.12 -0.78 12.10
CA ASN A 33 -14.31 -0.99 10.66
C ASN A 33 -12.96 -1.02 9.94
N LYS A 34 -12.12 -1.99 10.34
CA LYS A 34 -10.75 -2.06 9.85
C LYS A 34 -10.65 -2.53 8.41
N GLU A 35 -11.68 -3.19 7.88
CA GLU A 35 -11.58 -3.85 6.58
C GLU A 35 -11.35 -2.88 5.43
N ILE A 36 -11.58 -1.59 5.64
CA ILE A 36 -11.40 -0.61 4.57
C ILE A 36 -9.95 -0.46 4.13
N PHE A 37 -9.01 -1.03 4.89
CA PHE A 37 -7.61 -0.97 4.48
C PHE A 37 -7.42 -1.58 3.09
N LEU A 38 -8.14 -2.67 2.79
CA LEU A 38 -7.92 -3.37 1.54
C LEU A 38 -8.43 -2.56 0.36
N ARG A 39 -9.57 -1.89 0.52
CA ARG A 39 -10.07 -0.99 -0.52
C ARG A 39 -9.07 0.11 -0.83
N GLU A 40 -8.41 0.65 0.20
CA GLU A 40 -7.46 1.74 -0.03
C GLU A 40 -6.23 1.26 -0.77
N LEU A 41 -5.70 0.09 -0.40
CA LEU A 41 -4.50 -0.41 -1.07
C LEU A 41 -4.81 -0.86 -2.49
N ILE A 42 -5.97 -1.46 -2.71
CA ILE A 42 -6.37 -1.85 -4.06
C ILE A 42 -6.57 -0.60 -4.92
N SER A 43 -7.13 0.46 -4.34
CA SER A 43 -7.30 1.71 -5.08
C SER A 43 -5.96 2.33 -5.43
N ASN A 44 -4.99 2.25 -4.51
CA ASN A 44 -3.64 2.71 -4.82
C ASN A 44 -3.03 1.91 -5.97
N SER A 45 -3.21 0.59 -5.95
CA SER A 45 -2.71 -0.25 -7.04
C SER A 45 -3.37 0.12 -8.37
N SER A 46 -4.68 0.36 -8.35
CA SER A 46 -5.40 0.72 -9.57
C SER A 46 -4.89 2.04 -10.14
N ASP A 47 -4.59 3.02 -9.27
CA ASP A 47 -4.05 4.29 -9.74
C ASP A 47 -2.68 4.09 -10.39
N ALA A 48 -1.85 3.23 -9.80
CA ALA A 48 -0.54 2.97 -10.37
C ALA A 48 -0.63 2.24 -11.70
N LEU A 49 -1.62 1.36 -11.86
CA LEU A 49 -1.83 0.68 -13.13
C LEU A 49 -2.36 1.66 -14.17
N ASP A 50 -3.26 2.56 -13.77
CA ASP A 50 -3.72 3.61 -14.67
C ASP A 50 -2.54 4.42 -15.19
N LYS A 51 -1.58 4.70 -14.32
CA LYS A 51 -0.45 5.56 -14.65
C LYS A 51 0.44 4.91 -15.73
N ILE A 52 0.84 3.65 -15.50
CA ILE A 52 1.71 3.00 -16.48
C ILE A 52 0.96 2.75 -17.79
N ARG A 53 -0.35 2.52 -17.73
CA ARG A 53 -1.12 2.36 -18.97
C ARG A 53 -1.13 3.65 -19.76
N TYR A 54 -1.37 4.78 -19.10
CA TYR A 54 -1.35 6.08 -19.78
C TYR A 54 0.02 6.35 -20.39
N GLU A 55 1.09 6.17 -19.62
CA GLU A 55 2.42 6.48 -20.13
C GLU A 55 2.80 5.59 -21.30
N SER A 56 2.32 4.34 -21.32
CA SER A 56 2.68 3.41 -22.38
C SER A 56 2.07 3.78 -23.72
N LEU A 57 1.02 4.63 -23.73
CA LEU A 57 0.39 5.00 -24.99
C LEU A 57 1.33 5.82 -25.86
N THR A 58 2.12 6.70 -25.26
CA THR A 58 3.07 7.52 -26.01
C THR A 58 4.50 7.00 -25.93
N ASP A 59 4.76 5.95 -25.15
CA ASP A 59 6.06 5.28 -25.19
C ASP A 59 5.81 3.81 -24.87
N PRO A 60 5.48 3.01 -25.90
CA PRO A 60 5.18 1.59 -25.65
C PRO A 60 6.32 0.82 -25.03
N SER A 61 7.56 1.32 -25.14
CA SER A 61 8.71 0.63 -24.56
C SER A 61 8.64 0.59 -23.04
N LYS A 62 7.79 1.41 -22.41
CA LYS A 62 7.65 1.36 -20.96
C LYS A 62 7.01 0.06 -20.47
N LEU A 63 6.43 -0.74 -21.36
CA LEU A 63 5.87 -2.03 -21.00
C LEU A 63 6.86 -3.17 -21.27
N ASP A 64 8.10 -2.86 -21.63
CA ASP A 64 9.10 -3.90 -21.81
C ASP A 64 9.37 -4.65 -20.51
N SER A 65 9.13 -4.00 -19.38
CA SER A 65 9.29 -4.61 -18.07
C SER A 65 8.06 -5.41 -17.64
N GLY A 66 7.09 -5.60 -18.53
CA GLY A 66 5.90 -6.37 -18.21
C GLY A 66 4.65 -5.79 -18.84
N LYS A 67 3.99 -6.56 -19.70
CA LYS A 67 2.79 -6.08 -20.39
C LYS A 67 1.54 -6.25 -19.53
N GLU A 68 1.52 -7.22 -18.64
CA GLU A 68 0.31 -7.54 -17.89
C GLU A 68 0.05 -6.49 -16.82
N LEU A 69 -1.19 -6.02 -16.75
CA LEU A 69 -1.62 -5.02 -15.76
C LEU A 69 -2.65 -5.70 -14.86
N HIS A 70 -2.25 -6.06 -13.64
CA HIS A 70 -3.10 -6.86 -12.78
C HIS A 70 -2.79 -6.59 -11.32
N ILE A 71 -3.66 -7.14 -10.46
CA ILE A 71 -3.52 -7.07 -9.01
C ILE A 71 -3.67 -8.48 -8.44
N ASN A 72 -2.71 -8.90 -7.63
CA ASN A 72 -2.78 -10.19 -6.95
C ASN A 72 -2.86 -10.00 -5.45
N LEU A 73 -3.72 -10.77 -4.80
CA LEU A 73 -3.86 -10.78 -3.35
C LEU A 73 -3.38 -12.13 -2.84
N ILE A 74 -2.33 -12.13 -2.02
CA ILE A 74 -1.67 -13.36 -1.63
C ILE A 74 -1.62 -13.48 -0.10
N PRO A 75 -2.48 -14.30 0.51
CA PRO A 75 -2.37 -14.55 1.94
C PRO A 75 -1.42 -15.70 2.24
N ASN A 76 -0.79 -15.62 3.42
CA ASN A 76 0.16 -16.64 3.86
C ASN A 76 -0.02 -16.80 5.37
N LYS A 77 -0.68 -17.88 5.77
CA LYS A 77 -0.93 -18.12 7.19
C LYS A 77 0.34 -18.49 7.93
N GLN A 78 1.30 -19.12 7.25
CA GLN A 78 2.55 -19.51 7.91
C GLN A 78 3.33 -18.29 8.37
N ASP A 79 3.47 -17.29 7.49
CA ASP A 79 4.16 -16.05 7.81
C ASP A 79 3.23 -14.99 8.40
N ARG A 80 1.92 -15.23 8.39
CA ARG A 80 0.93 -14.26 8.85
C ARG A 80 1.07 -12.93 8.11
N THR A 81 1.11 -13.02 6.78
CA THR A 81 1.22 -11.84 5.93
C THR A 81 0.14 -11.87 4.86
N LEU A 82 -0.33 -10.68 4.50
CA LEU A 82 -1.19 -10.48 3.33
C LEU A 82 -0.44 -9.55 2.38
N THR A 83 -0.17 -10.04 1.17
CA THR A 83 0.59 -9.28 0.18
C THR A 83 -0.34 -8.83 -0.93
N ILE A 84 -0.28 -7.54 -1.26
CA ILE A 84 -0.99 -6.95 -2.39
C ILE A 84 0.04 -6.61 -3.45
N VAL A 85 -0.04 -7.28 -4.60
CA VAL A 85 0.92 -7.11 -5.68
C VAL A 85 0.23 -6.44 -6.85
N ASP A 86 0.87 -5.43 -7.44
CA ASP A 86 0.40 -4.86 -8.69
C ASP A 86 1.59 -4.69 -9.63
N THR A 87 1.27 -4.58 -10.92
CA THR A 87 2.26 -4.31 -11.95
C THR A 87 2.12 -2.89 -12.47
N GLY A 88 1.89 -1.94 -11.56
CA GLY A 88 1.74 -0.55 -11.91
C GLY A 88 3.07 0.12 -12.18
N ILE A 89 3.06 1.45 -12.14
CA ILE A 89 4.23 2.23 -12.52
C ILE A 89 5.39 2.04 -11.54
N GLY A 90 5.10 1.71 -10.28
CA GLY A 90 6.14 1.57 -9.28
C GLY A 90 6.63 2.92 -8.78
N MET A 91 7.54 2.88 -7.81
CA MET A 91 8.04 4.07 -7.16
C MET A 91 9.56 4.11 -7.20
N THR A 92 10.09 5.30 -7.46
CA THR A 92 11.53 5.52 -7.41
C THR A 92 11.97 5.71 -5.95
N LYS A 93 13.29 5.72 -5.75
CA LYS A 93 13.83 5.99 -4.42
C LYS A 93 13.37 7.36 -3.91
N ALA A 94 13.33 8.35 -4.81
CA ALA A 94 12.90 9.68 -4.41
C ALA A 94 11.42 9.68 -4.01
N ASP A 95 10.60 8.87 -4.68
CA ASP A 95 9.22 8.70 -4.26
C ASP A 95 9.15 8.18 -2.82
N LEU A 96 9.93 7.15 -2.52
CA LEU A 96 9.83 6.49 -1.22
C LEU A 96 10.34 7.39 -0.09
N ILE A 97 11.38 8.17 -0.35
CA ILE A 97 12.02 8.95 0.71
C ILE A 97 11.38 10.33 0.84
N ASN A 98 11.01 10.97 -0.26
CA ASN A 98 10.68 12.39 -0.24
C ASN A 98 9.31 12.72 -0.83
N ASN A 99 9.11 12.36 -2.11
CA ASN A 99 8.01 12.93 -2.87
C ASN A 99 6.65 12.54 -2.31
N LEU A 100 6.45 11.25 -2.05
CA LEU A 100 5.13 10.80 -1.60
C LEU A 100 4.81 11.32 -0.20
N GLY A 101 5.82 11.38 0.67
CA GLY A 101 5.61 11.96 1.98
C GLY A 101 5.31 13.45 1.94
N THR A 102 5.91 14.17 0.98
CA THR A 102 5.64 15.60 0.86
C THR A 102 4.20 15.86 0.47
N ILE A 103 3.67 15.11 -0.50
CA ILE A 103 2.26 15.23 -0.85
C ILE A 103 1.38 14.88 0.34
N ALA A 104 1.73 13.82 1.07
CA ALA A 104 0.88 13.32 2.14
C ALA A 104 0.79 14.28 3.32
N LYS A 105 1.63 15.32 3.38
CA LYS A 105 1.59 16.22 4.54
C LYS A 105 0.32 17.06 4.55
N SER A 106 -0.07 17.61 3.40
CA SER A 106 -1.29 18.41 3.37
C SER A 106 -2.52 17.53 3.55
N GLY A 107 -2.54 16.36 2.89
CA GLY A 107 -3.66 15.44 3.06
C GLY A 107 -3.81 14.97 4.49
N THR A 108 -2.70 14.76 5.18
CA THR A 108 -2.76 14.38 6.59
C THR A 108 -3.43 15.46 7.42
N LYS A 109 -2.92 16.69 7.36
CA LYS A 109 -3.47 17.79 8.14
C LYS A 109 -4.96 17.99 7.84
N ALA A 110 -5.34 17.90 6.56
CA ALA A 110 -6.74 18.04 6.21
C ALA A 110 -7.57 16.89 6.77
N PHE A 111 -7.03 15.68 6.73
CA PHE A 111 -7.74 14.52 7.27
C PHE A 111 -7.91 14.63 8.78
N MET A 112 -6.87 15.08 9.49
CA MET A 112 -6.98 15.27 10.93
C MET A 112 -8.02 16.33 11.27
N GLU A 113 -8.06 17.42 10.50
CA GLU A 113 -9.09 18.44 10.72
C GLU A 113 -10.48 17.87 10.52
N ALA A 114 -10.68 17.05 9.47
CA ALA A 114 -11.98 16.46 9.22
C ALA A 114 -12.39 15.51 10.34
N LEU A 115 -11.44 14.74 10.86
CA LEU A 115 -11.74 13.82 11.95
C LEU A 115 -12.21 14.56 13.18
N GLN A 116 -11.60 15.70 13.49
CA GLN A 116 -12.03 16.52 14.61
C GLN A 116 -13.40 17.16 14.36
N ALA A 117 -13.79 17.30 13.10
CA ALA A 117 -15.08 17.91 12.76
C ALA A 117 -16.21 16.91 12.63
N GLY A 118 -15.92 15.61 12.69
CA GLY A 118 -16.98 14.61 12.65
C GLY A 118 -16.75 13.49 11.66
N ALA A 119 -15.73 13.60 10.82
CA ALA A 119 -15.43 12.54 9.86
C ALA A 119 -14.94 11.30 10.59
N ASP A 120 -14.87 10.20 9.85
CA ASP A 120 -14.39 8.94 10.40
C ASP A 120 -13.25 8.40 9.54
N ILE A 121 -12.57 7.39 10.06
CA ILE A 121 -11.31 6.91 9.47
C ILE A 121 -11.54 6.33 8.08
N SER A 122 -12.74 5.80 7.81
CA SER A 122 -12.99 5.17 6.51
C SER A 122 -12.91 6.16 5.36
N MET A 123 -12.96 7.46 5.64
CA MET A 123 -12.86 8.48 4.59
C MET A 123 -11.42 8.90 4.33
N ILE A 124 -10.45 8.13 4.82
CA ILE A 124 -9.04 8.50 4.69
C ILE A 124 -8.63 8.61 3.22
N GLY A 125 -9.25 7.83 2.34
CA GLY A 125 -8.86 7.84 0.94
C GLY A 125 -9.19 9.15 0.24
N GLN A 126 -10.20 9.87 0.72
CA GLN A 126 -10.54 11.16 0.14
C GLN A 126 -9.48 12.22 0.41
N PHE A 127 -8.46 11.91 1.19
CA PHE A 127 -7.39 12.85 1.51
C PHE A 127 -6.04 12.41 0.96
N GLY A 128 -6.02 11.35 0.16
CA GLY A 128 -4.80 10.90 -0.50
C GLY A 128 -3.79 10.20 0.38
N VAL A 129 -4.15 9.81 1.59
CA VAL A 129 -3.22 9.14 2.50
C VAL A 129 -3.74 7.76 2.87
N GLY A 130 -4.45 7.12 1.94
CA GLY A 130 -5.06 5.83 2.22
C GLY A 130 -4.06 4.72 2.51
N PHE A 131 -2.81 4.87 2.04
CA PHE A 131 -1.80 3.84 2.30
C PHE A 131 -1.66 3.58 3.79
N TYR A 132 -1.73 4.63 4.60
CA TYR A 132 -1.46 4.48 6.03
C TYR A 132 -2.56 3.73 6.76
N SER A 133 -3.71 3.50 6.10
CA SER A 133 -4.73 2.63 6.68
C SER A 133 -4.22 1.21 6.83
N ALA A 134 -3.11 0.86 6.19
CA ALA A 134 -2.51 -0.46 6.38
C ALA A 134 -2.24 -0.76 7.85
N TYR A 135 -1.95 0.27 8.64
CA TYR A 135 -1.62 0.08 10.05
C TYR A 135 -2.86 -0.11 10.92
N LEU A 136 -4.06 -0.17 10.32
CA LEU A 136 -5.21 -0.66 11.04
C LEU A 136 -5.09 -2.15 11.35
N VAL A 137 -4.44 -2.90 10.47
CA VAL A 137 -4.33 -4.35 10.63
C VAL A 137 -2.89 -4.84 10.71
N ALA A 138 -1.90 -4.06 10.32
CA ALA A 138 -0.52 -4.52 10.22
C ALA A 138 0.33 -3.88 11.31
N GLU A 139 1.14 -4.71 12.00
CA GLU A 139 2.14 -4.19 12.91
C GLU A 139 3.40 -3.73 12.18
N LYS A 140 3.64 -4.24 10.98
CA LYS A 140 4.77 -3.85 10.16
C LYS A 140 4.32 -3.92 8.70
N VAL A 141 4.82 -2.99 7.88
CA VAL A 141 4.52 -2.97 6.46
C VAL A 141 5.83 -2.89 5.70
N THR A 142 6.01 -3.80 4.74
CA THR A 142 7.15 -3.80 3.84
C THR A 142 6.66 -3.53 2.42
N VAL A 143 7.30 -2.61 1.73
CA VAL A 143 6.94 -2.25 0.36
C VAL A 143 8.13 -2.52 -0.54
N ILE A 144 7.99 -3.48 -1.45
CA ILE A 144 8.96 -3.75 -2.50
C ILE A 144 8.44 -3.13 -3.77
N THR A 145 9.29 -2.35 -4.46
CA THR A 145 8.80 -1.61 -5.61
C THR A 145 9.91 -1.46 -6.63
N LYS A 146 9.52 -1.43 -7.91
CA LYS A 146 10.46 -1.28 -9.02
C LYS A 146 9.83 -0.36 -10.05
N HIS A 147 10.47 0.79 -10.28
CA HIS A 147 10.09 1.75 -11.31
C HIS A 147 11.05 1.60 -12.48
N ASN A 148 10.54 1.84 -13.70
CA ASN A 148 11.35 1.69 -14.91
C ASN A 148 12.64 2.50 -14.84
N ASP A 149 12.62 3.64 -14.16
CA ASP A 149 13.74 4.57 -14.15
C ASP A 149 14.66 4.40 -12.95
N ASP A 150 14.46 3.37 -12.14
CA ASP A 150 15.25 3.22 -10.93
C ASP A 150 15.42 1.72 -10.62
N GLU A 151 16.16 1.43 -9.56
CA GLU A 151 16.40 0.07 -9.12
C GLU A 151 15.26 -0.41 -8.23
N GLN A 152 15.33 -1.69 -7.85
CA GLN A 152 14.35 -2.28 -6.96
C GLN A 152 14.69 -1.93 -5.51
N TYR A 153 13.70 -1.45 -4.77
CA TYR A 153 13.92 -0.99 -3.40
C TYR A 153 12.95 -1.67 -2.44
N ALA A 154 13.35 -1.71 -1.17
CA ALA A 154 12.52 -2.22 -0.10
C ALA A 154 12.33 -1.11 0.94
N TRP A 155 11.09 -0.70 1.13
CA TRP A 155 10.69 0.24 2.17
C TRP A 155 10.02 -0.54 3.30
N GLU A 156 10.26 -0.09 4.54
CA GLU A 156 9.73 -0.83 5.69
C GLU A 156 9.54 0.11 6.87
N SER A 157 8.47 -0.13 7.63
CA SER A 157 8.24 0.63 8.86
C SER A 157 7.32 -0.14 9.78
N SER A 158 7.71 -0.22 11.06
CA SER A 158 6.83 -0.67 12.13
C SER A 158 6.27 0.50 12.91
N ALA A 159 6.17 1.67 12.28
CA ALA A 159 5.76 2.93 12.92
C ALA A 159 6.82 3.29 13.96
N GLY A 160 6.43 3.99 15.02
CA GLY A 160 7.39 4.48 15.99
C GLY A 160 8.19 5.68 15.53
N GLY A 161 7.84 6.28 14.39
CA GLY A 161 8.44 7.51 13.93
C GLY A 161 9.55 7.36 12.90
N SER A 162 9.83 6.15 12.43
CA SER A 162 10.95 5.95 11.52
C SER A 162 10.59 4.89 10.48
N PHE A 163 11.27 4.97 9.33
CA PHE A 163 11.17 3.96 8.29
C PHE A 163 12.55 3.74 7.69
N THR A 164 12.71 2.62 7.00
CA THR A 164 13.97 2.25 6.38
C THR A 164 13.79 2.03 4.88
N VAL A 165 14.85 2.32 4.13
CA VAL A 165 14.90 2.04 2.70
C VAL A 165 16.24 1.36 2.41
N ARG A 166 16.19 0.28 1.64
CA ARG A 166 17.39 -0.42 1.20
C ARG A 166 17.19 -0.91 -0.23
N THR A 167 18.30 -1.13 -0.91
CA THR A 167 18.26 -1.83 -2.19
C THR A 167 17.84 -3.28 -1.93
N ASP A 168 16.90 -3.77 -2.73
CA ASP A 168 16.35 -5.11 -2.52
C ASP A 168 17.12 -6.13 -3.35
N THR A 169 17.60 -7.20 -2.69
CA THR A 169 18.25 -8.32 -3.38
C THR A 169 17.32 -9.51 -3.58
N GLY A 170 16.04 -9.39 -3.25
CA GLY A 170 15.11 -10.48 -3.49
C GLY A 170 14.92 -10.76 -4.97
N GLU A 171 13.89 -11.55 -5.25
CA GLU A 171 13.55 -11.89 -6.62
C GLU A 171 13.25 -10.62 -7.42
N PRO A 172 13.86 -10.44 -8.59
CA PRO A 172 13.52 -9.27 -9.42
C PRO A 172 12.04 -9.27 -9.77
N MET A 173 11.48 -8.06 -9.86
CA MET A 173 10.04 -7.89 -9.94
C MET A 173 9.54 -7.50 -11.33
N GLY A 174 10.41 -6.96 -12.17
CA GLY A 174 10.00 -6.46 -13.47
C GLY A 174 9.57 -5.00 -13.39
N ARG A 175 8.41 -4.76 -12.78
CA ARG A 175 7.87 -3.43 -12.60
C ARG A 175 6.63 -3.54 -11.73
N GLY A 176 6.48 -2.63 -10.77
CA GLY A 176 5.28 -2.59 -9.96
C GLY A 176 5.61 -2.45 -8.49
N THR A 177 4.67 -2.89 -7.65
CA THR A 177 4.79 -2.71 -6.21
C THR A 177 4.17 -3.89 -5.48
N LYS A 178 4.87 -4.36 -4.44
CA LYS A 178 4.40 -5.39 -3.52
C LYS A 178 4.26 -4.75 -2.14
N VAL A 179 3.07 -4.79 -1.58
CA VAL A 179 2.82 -4.30 -0.22
C VAL A 179 2.59 -5.52 0.67
N ILE A 180 3.55 -5.79 1.55
CA ILE A 180 3.50 -6.93 2.47
C ILE A 180 3.01 -6.43 3.82
N LEU A 181 1.85 -6.93 4.24
CA LEU A 181 1.23 -6.55 5.51
C LEU A 181 1.53 -7.64 6.53
N HIS A 182 2.38 -7.32 7.50
CA HIS A 182 2.65 -8.22 8.62
C HIS A 182 1.55 -8.00 9.65
N LEU A 183 0.56 -8.89 9.66
CA LEU A 183 -0.68 -8.61 10.36
C LEU A 183 -0.52 -8.69 11.86
N LYS A 184 -1.32 -7.91 12.58
CA LYS A 184 -1.42 -8.02 14.02
C LYS A 184 -1.99 -9.38 14.39
N GLU A 185 -1.67 -9.84 15.61
CA GLU A 185 -2.05 -11.18 16.03
C GLU A 185 -3.56 -11.40 16.03
N ASP A 186 -4.33 -10.34 16.27
CA ASP A 186 -5.78 -10.44 16.35
C ASP A 186 -6.48 -10.01 15.07
N GLN A 187 -5.75 -9.90 13.96
CA GLN A 187 -6.31 -9.49 12.68
C GLN A 187 -6.13 -10.57 11.61
N THR A 188 -6.02 -11.83 12.02
CA THR A 188 -5.76 -12.90 11.06
C THR A 188 -6.98 -13.27 10.21
N GLU A 189 -8.14 -12.67 10.47
CA GLU A 189 -9.30 -12.93 9.61
C GLU A 189 -9.06 -12.50 8.18
N TYR A 190 -8.13 -11.57 7.94
CA TYR A 190 -7.83 -11.07 6.61
C TYR A 190 -6.88 -11.98 5.85
N LEU A 191 -6.58 -13.16 6.40
CA LEU A 191 -5.90 -14.22 5.68
C LEU A 191 -6.85 -15.28 5.15
N GLU A 192 -8.14 -15.21 5.50
CA GLU A 192 -9.10 -16.21 5.11
C GLU A 192 -9.74 -15.87 3.76
N GLU A 193 -9.89 -16.90 2.93
CA GLU A 193 -10.35 -16.69 1.55
C GLU A 193 -11.73 -16.03 1.52
N ARG A 194 -12.69 -16.60 2.24
CA ARG A 194 -14.06 -16.08 2.19
C ARG A 194 -14.15 -14.66 2.78
N ARG A 195 -13.25 -14.31 3.70
CA ARG A 195 -13.26 -12.94 4.22
C ARG A 195 -12.71 -11.95 3.21
N ILE A 196 -11.66 -12.34 2.47
CA ILE A 196 -11.10 -11.45 1.47
C ILE A 196 -12.07 -11.27 0.30
N LYS A 197 -12.68 -12.37 -0.18
CA LYS A 197 -13.67 -12.25 -1.23
C LYS A 197 -14.78 -11.29 -0.85
N GLU A 198 -15.28 -11.41 0.39
CA GLU A 198 -16.38 -10.56 0.84
C GLU A 198 -15.97 -9.09 0.81
N ILE A 199 -14.74 -8.77 1.20
CA ILE A 199 -14.30 -7.39 1.24
C ILE A 199 -14.11 -6.84 -0.17
N VAL A 200 -13.52 -7.64 -1.07
CA VAL A 200 -13.30 -7.20 -2.44
C VAL A 200 -14.64 -6.96 -3.14
N LYS A 201 -15.61 -7.86 -2.94
CA LYS A 201 -16.92 -7.68 -3.56
C LYS A 201 -17.65 -6.47 -2.98
N LYS A 202 -17.44 -6.19 -1.69
CA LYS A 202 -18.14 -5.08 -1.05
C LYS A 202 -17.57 -3.73 -1.49
N HIS A 203 -16.25 -3.61 -1.58
CA HIS A 203 -15.59 -2.33 -1.72
C HIS A 203 -14.84 -2.13 -3.03
N SER A 204 -14.55 -3.19 -3.78
CA SER A 204 -13.65 -3.09 -4.93
C SER A 204 -14.25 -3.77 -6.15
N GLN A 205 -15.58 -3.78 -6.26
CA GLN A 205 -16.24 -4.60 -7.26
C GLN A 205 -15.98 -4.10 -8.69
N PHE A 206 -15.71 -2.81 -8.87
CA PHE A 206 -15.62 -2.22 -10.20
C PHE A 206 -14.20 -1.78 -10.56
N ILE A 207 -13.18 -2.32 -9.88
CA ILE A 207 -11.80 -2.02 -10.27
C ILE A 207 -11.57 -2.55 -11.68
N GLY A 208 -10.94 -1.72 -12.52
CA GLY A 208 -10.80 -2.03 -13.93
C GLY A 208 -9.58 -2.87 -14.27
N TYR A 209 -9.16 -3.72 -13.34
CA TYR A 209 -8.02 -4.60 -13.55
C TYR A 209 -8.32 -5.93 -12.88
N PRO A 210 -7.87 -7.04 -13.46
CA PRO A 210 -8.15 -8.35 -12.86
C PRO A 210 -7.49 -8.48 -11.49
N ILE A 211 -8.32 -8.81 -10.50
CA ILE A 211 -7.88 -9.05 -9.13
C ILE A 211 -7.94 -10.56 -8.88
N THR A 212 -6.79 -11.18 -8.65
CA THR A 212 -6.70 -12.61 -8.42
C THR A 212 -6.41 -12.86 -6.95
N LEU A 213 -7.34 -13.52 -6.27
CA LEU A 213 -7.13 -13.90 -4.88
C LEU A 213 -6.49 -15.28 -4.86
N PHE A 214 -5.21 -15.33 -4.52
CA PHE A 214 -4.51 -16.60 -4.37
C PHE A 214 -5.08 -17.39 -3.19
N VAL A 215 -5.02 -18.71 -3.31
CA VAL A 215 -5.42 -19.60 -2.22
C VAL A 215 -4.18 -20.34 -1.73
N GLU A 216 -4.25 -20.81 -0.49
CA GLU A 216 -3.08 -21.37 0.18
C GLU A 216 -3.07 -22.90 0.18
N LYS A 217 -2.04 -23.44 0.83
CA LYS A 217 -1.89 -24.87 1.06
C LYS A 217 -2.90 -25.39 2.09
C11 A1AYC B . 2.74 1.92 -6.95
C12 A1AYC B . 2.48 3.39 -6.95
C13 A1AYC B . 2.27 3.69 -5.48
C4 A1AYC B . 3.76 5.37 1.34
C1 A1AYC B . 4.69 3.11 0.79
C10 A1AYC B . 1.60 1.45 -6.06
C2 A1AYC B . 4.22 4.45 0.21
C3 A1AYC B . 5.48 5.11 -0.39
C5 A1AYC B . 3.15 4.25 -0.84
C6 A1AYC B . 2.13 5.06 -1.27
C7 A1AYC B . 1.34 4.49 -2.33
C8 A1AYC B . 1.79 3.18 -2.67
C9 A1AYC B . 1.23 2.28 -3.72
N1 A1AYC B . 1.65 2.45 -4.99
O1 A1AYC B . 0.46 1.38 -3.42
S1 A1AYC B . 3.07 2.71 -1.63
C11 A1AYC C . 4.48 8.27 -10.94
C12 A1AYC C . 3.71 9.39 -11.58
C13 A1AYC C . 2.32 9.14 -11.05
C4 A1AYC C . 0.84 10.43 -2.78
C1 A1AYC C . -1.38 10.16 -3.85
C10 A1AYC C . 3.99 8.39 -9.52
C2 A1AYC C . 0.06 9.61 -3.80
C3 A1AYC C . -0.01 8.17 -3.30
C5 A1AYC C . 0.70 9.67 -5.18
C6 A1AYC C . 1.48 10.62 -5.78
C7 A1AYC C . 1.90 10.29 -7.12
C8 A1AYC C . 1.39 9.03 -7.52
C9 A1AYC C . 1.58 8.34 -8.83
N1 A1AYC C . 2.56 8.61 -9.71
O1 A1AYC C . 0.77 7.46 -9.08
S1 A1AYC C . 0.45 8.33 -6.25
#